data_6ZBS
#
_entry.id   6ZBS
#
_cell.length_a   66.200
_cell.length_b   66.200
_cell.length_c   226.380
_cell.angle_alpha   90.000
_cell.angle_beta   90.000
_cell.angle_gamma   90.000
#
_symmetry.space_group_name_H-M   'P 43 21 2'
#
loop_
_entity.id
_entity.type
_entity.pdbx_description
1 polymer 'Beta ODAP Synthetase (BOS)'
2 non-polymer 'MAGNESIUM ION'
3 non-polymer DI(HYDROXYETHYL)ETHER
4 water water
#
_entity_poly.entity_id   1
_entity_poly.type   'polypeptide(L)'
_entity_poly.pdbx_seq_one_letter_code
;MSSIQILSTTTIHAPNHPNDYSIDLTPWDLQYLTFGINQKGVLYHHPPNLDTTNQIQHLKQSLLSTLEYFHPLTGRLNVT
NHEDNTVSYSVNCNNEGALFIHAEAKDISVGEILESTYLPVILYSFFPLNGVKNYQGTTKPLFAVQVTELIDGIFIGCAI
NHSVVDGTAFWYFINTWAKISKGDFEISPVPSFKRWFPDSVQPPIRFQFPKESQNDEEEKLCKPMFERLFHFSKENIAKL
KSKANLEAGKTRISSLQAVFTHIWRAIVRSRSVDPQEELKFGIDIGVRPRLTPPRKNDYFANAVVECAVTMKAGELLEDG
GLGKGAWEMNQKIALYNDEMVKNLFENWSTTPSFSFLGSNLADSNSVMIGSSPWFDVYGNDFGWGKPVGVRNGGTNKRNW
KVYVCAGVEEGSMNLEVCLPYENLEAIGNDSEFMDAASG
;
_entity_poly.pdbx_strand_id   A
#
# COMPACT_ATOMS: atom_id res chain seq x y z
N MET A 1 -8.72 27.82 -4.76
CA MET A 1 -8.06 27.00 -3.76
C MET A 1 -8.94 25.84 -3.30
N SER A 2 -8.52 24.61 -3.61
CA SER A 2 -9.24 23.45 -3.12
C SER A 2 -9.26 23.44 -1.60
N SER A 3 -10.41 23.09 -1.03
CA SER A 3 -10.58 22.98 0.41
C SER A 3 -11.47 21.78 0.73
N ILE A 4 -11.43 21.37 1.99
CA ILE A 4 -12.27 20.26 2.44
C ILE A 4 -12.92 20.62 3.76
N GLN A 5 -14.16 20.18 3.94
CA GLN A 5 -14.92 20.38 5.16
C GLN A 5 -15.39 19.03 5.67
N ILE A 6 -15.38 18.84 6.99
CA ILE A 6 -15.94 17.63 7.58
C ILE A 6 -17.43 17.88 7.85
N LEU A 7 -18.27 17.00 7.32
CA LEU A 7 -19.71 17.12 7.49
C LEU A 7 -20.20 16.38 8.74
N SER A 8 -19.68 15.19 9.00
CA SER A 8 -20.00 14.47 10.24
C SER A 8 -18.87 13.49 10.55
N THR A 9 -18.61 13.31 11.84
CA THR A 9 -17.70 12.28 12.33
C THR A 9 -18.45 11.43 13.34
N THR A 10 -18.55 10.13 13.10
CA THR A 10 -19.27 9.23 13.98
C THR A 10 -18.45 7.98 14.23
N THR A 11 -18.62 7.42 15.43
CA THR A 11 -18.01 6.16 15.80
C THR A 11 -18.91 5.00 15.37
N ILE A 12 -18.29 3.94 14.87
CA ILE A 12 -19.02 2.78 14.40
C ILE A 12 -18.46 1.55 15.07
N HIS A 13 -19.30 0.51 15.17
CA HIS A 13 -18.95 -0.71 15.88
C HIS A 13 -19.30 -1.90 15.01
N ALA A 14 -18.67 -3.03 15.31
CA ALA A 14 -19.04 -4.28 14.65
C ALA A 14 -20.29 -4.85 15.31
N PRO A 15 -21.29 -5.24 14.54
CA PRO A 15 -22.50 -5.82 15.13
C PRO A 15 -22.28 -7.29 15.48
N ASN A 16 -23.05 -7.76 16.45
CA ASN A 16 -22.97 -9.14 16.90
C ASN A 16 -21.53 -9.50 17.26
N HIS A 17 -20.91 -8.62 18.03
CA HIS A 17 -19.53 -8.78 18.49
C HIS A 17 -19.51 -9.57 19.79
N PRO A 18 -18.67 -10.62 19.89
CA PRO A 18 -18.67 -11.45 21.12
C PRO A 18 -18.06 -10.73 22.32
N ASN A 19 -17.63 -11.52 23.30
CA ASN A 19 -16.87 -10.94 24.39
C ASN A 19 -15.50 -10.50 23.89
N ASP A 20 -14.78 -9.77 24.73
CA ASP A 20 -13.46 -9.30 24.37
C ASP A 20 -12.51 -10.49 24.19
N TYR A 21 -11.58 -10.36 23.23
CA TYR A 21 -10.53 -11.35 23.03
C TYR A 21 -9.33 -10.67 22.39
N SER A 22 -8.17 -11.30 22.54
CA SER A 22 -6.91 -10.76 22.03
C SER A 22 -6.41 -11.56 20.84
N ILE A 23 -5.52 -10.93 20.06
CA ILE A 23 -4.89 -11.54 18.88
C ILE A 23 -3.39 -11.25 18.97
N ASP A 24 -2.57 -12.26 18.74
CA ASP A 24 -1.13 -12.07 18.85
C ASP A 24 -0.53 -11.66 17.51
N LEU A 25 0.52 -10.84 17.58
CA LEU A 25 1.16 -10.26 16.40
C LEU A 25 2.51 -10.93 16.12
N THR A 26 2.77 -11.22 14.82
CA THR A 26 4.03 -11.71 14.27
C THR A 26 4.94 -10.53 13.96
N PRO A 27 6.25 -10.78 13.78
CA PRO A 27 7.13 -9.67 13.35
C PRO A 27 6.71 -9.02 12.04
N TRP A 28 6.00 -9.73 11.17
CA TRP A 28 5.45 -9.10 9.98
C TRP A 28 4.53 -7.94 10.35
N ASP A 29 3.75 -8.09 11.42
CA ASP A 29 2.90 -7.01 11.94
C ASP A 29 3.72 -6.00 12.74
N LEU A 30 4.57 -6.49 13.65
CA LEU A 30 5.28 -5.60 14.57
C LEU A 30 6.25 -4.67 13.87
N GLN A 31 6.74 -5.06 12.69
CA GLN A 31 7.76 -4.26 12.02
C GLN A 31 7.24 -2.89 11.60
N TYR A 32 5.92 -2.72 11.54
CA TYR A 32 5.31 -1.48 11.08
C TYR A 32 4.86 -0.58 12.22
N LEU A 33 5.21 -0.90 13.47
CA LEU A 33 4.73 -0.13 14.61
C LEU A 33 5.22 1.30 14.57
N THR A 34 6.33 1.54 13.87
CA THR A 34 6.93 2.85 13.73
C THR A 34 6.53 3.54 12.44
N PHE A 35 5.81 2.82 11.58
CA PHE A 35 5.37 3.27 10.28
C PHE A 35 4.04 4.01 10.42
N GLY A 36 3.71 4.80 9.41
CA GLY A 36 2.41 5.43 9.36
C GLY A 36 1.31 4.39 9.14
N ILE A 37 0.07 4.87 9.26
CA ILE A 37 -1.07 3.98 9.10
C ILE A 37 -1.25 3.63 7.62
N ASN A 38 -1.69 2.40 7.35
CA ASN A 38 -1.90 1.95 5.98
C ASN A 38 -3.14 2.63 5.41
N GLN A 39 -3.05 3.10 4.17
CA GLN A 39 -4.07 3.96 3.58
C GLN A 39 -4.24 3.65 2.10
N LYS A 40 -5.47 3.37 1.69
CA LYS A 40 -5.79 3.13 0.28
C LYS A 40 -7.17 3.66 0.01
N GLY A 41 -7.39 4.14 -1.22
CA GLY A 41 -8.66 4.74 -1.57
C GLY A 41 -8.99 4.60 -3.05
N VAL A 42 -10.26 4.85 -3.36
CA VAL A 42 -10.82 4.66 -4.69
C VAL A 42 -11.70 5.85 -5.06
N LEU A 43 -11.57 6.31 -6.30
CA LEU A 43 -12.26 7.50 -6.81
C LEU A 43 -13.38 7.09 -7.76
N TYR A 44 -14.55 7.72 -7.61
CA TYR A 44 -15.75 7.34 -8.35
C TYR A 44 -16.30 8.56 -9.06
N HIS A 45 -16.69 8.38 -10.32
CA HIS A 45 -17.28 9.45 -11.11
C HIS A 45 -18.80 9.33 -11.07
N HIS A 46 -19.48 10.48 -10.94
CA HIS A 46 -20.94 10.54 -10.86
C HIS A 46 -21.47 11.26 -12.08
N PRO A 47 -21.74 10.57 -13.19
CA PRO A 47 -22.32 11.23 -14.37
C PRO A 47 -23.68 11.80 -14.06
N PRO A 48 -24.14 12.80 -14.82
CA PRO A 48 -25.40 13.48 -14.47
C PRO A 48 -26.58 12.54 -14.37
N ASN A 49 -26.62 11.49 -15.19
CA ASN A 49 -27.69 10.50 -15.20
C ASN A 49 -27.66 9.57 -13.99
N LEU A 50 -26.56 9.48 -13.26
CA LEU A 50 -26.44 8.50 -12.21
C LEU A 50 -27.29 8.89 -11.01
N ASP A 51 -27.96 7.91 -10.43
CA ASP A 51 -28.77 8.11 -9.24
C ASP A 51 -27.93 7.73 -8.03
N THR A 52 -27.58 8.72 -7.22
CA THR A 52 -26.78 8.52 -6.01
C THR A 52 -27.62 8.65 -4.74
N THR A 53 -28.94 8.65 -4.87
CA THR A 53 -29.82 8.76 -3.72
C THR A 53 -29.41 7.76 -2.65
N ASN A 54 -29.36 8.24 -1.40
CA ASN A 54 -29.11 7.42 -0.22
C ASN A 54 -27.70 6.83 -0.19
N GLN A 55 -26.75 7.36 -0.98
CA GLN A 55 -25.45 6.71 -1.17
C GLN A 55 -24.67 6.60 0.14
N ILE A 56 -24.48 7.74 0.83
CA ILE A 56 -23.65 7.74 2.03
C ILE A 56 -24.22 6.79 3.08
N GLN A 57 -25.55 6.74 3.18
CA GLN A 57 -26.22 5.88 4.15
C GLN A 57 -26.02 4.41 3.80
N HIS A 58 -26.20 4.05 2.52
CA HIS A 58 -25.98 2.66 2.12
C HIS A 58 -24.52 2.27 2.27
N LEU A 59 -23.60 3.20 2.03
CA LEU A 59 -22.19 2.90 2.24
C LEU A 59 -21.90 2.59 3.71
N LYS A 60 -22.47 3.38 4.63
CA LYS A 60 -22.24 3.16 6.05
C LYS A 60 -22.87 1.85 6.52
N GLN A 61 -24.13 1.62 6.15
CA GLN A 61 -24.82 0.41 6.63
C GLN A 61 -24.16 -0.85 6.06
N SER A 62 -23.76 -0.82 4.78
CA SER A 62 -23.01 -1.95 4.24
C SER A 62 -21.65 -2.08 4.90
N LEU A 63 -21.08 -0.97 5.39
CA LEU A 63 -19.82 -1.07 6.13
C LEU A 63 -20.04 -1.76 7.46
N LEU A 64 -21.16 -1.48 8.12
CA LEU A 64 -21.43 -2.11 9.42
C LEU A 64 -21.55 -3.62 9.29
N SER A 65 -22.26 -4.10 8.27
CA SER A 65 -22.34 -5.55 8.05
C SER A 65 -21.00 -6.15 7.66
N THR A 66 -20.13 -5.39 6.97
CA THR A 66 -18.81 -5.93 6.65
C THR A 66 -17.96 -6.10 7.90
N LEU A 67 -18.08 -5.16 8.85
CA LEU A 67 -17.33 -5.25 10.09
C LEU A 67 -17.69 -6.47 10.91
N GLU A 68 -18.87 -7.07 10.65
CA GLU A 68 -19.24 -8.31 11.32
C GLU A 68 -18.18 -9.38 11.14
N TYR A 69 -17.41 -9.32 10.05
CA TYR A 69 -16.41 -10.33 9.72
C TYR A 69 -14.99 -9.86 9.96
N PHE A 70 -14.79 -8.64 10.45
CA PHE A 70 -13.45 -8.08 10.62
C PHE A 70 -13.32 -7.41 11.98
N HIS A 71 -13.62 -8.18 13.02
CA HIS A 71 -13.61 -7.65 14.39
C HIS A 71 -12.38 -6.82 14.76
N PRO A 72 -11.15 -7.18 14.36
CA PRO A 72 -10.00 -6.35 14.77
C PRO A 72 -10.06 -4.90 14.30
N LEU A 73 -10.81 -4.58 13.24
CA LEU A 73 -10.87 -3.20 12.78
C LEU A 73 -11.47 -2.25 13.82
N THR A 74 -12.27 -2.75 14.77
CA THR A 74 -12.86 -1.89 15.78
C THR A 74 -12.18 -2.01 17.15
N GLY A 75 -11.09 -2.78 17.25
CA GLY A 75 -10.37 -2.91 18.49
C GLY A 75 -9.33 -1.82 18.68
N ARG A 76 -8.39 -2.11 19.57
CA ARG A 76 -7.25 -1.23 19.83
C ARG A 76 -6.05 -2.12 20.06
N LEU A 77 -4.85 -1.59 19.81
CA LEU A 77 -3.63 -2.30 20.20
C LEU A 77 -3.47 -2.29 21.71
N ASN A 78 -2.79 -3.32 22.24
CA ASN A 78 -2.53 -3.46 23.67
C ASN A 78 -1.05 -3.77 23.88
N VAL A 79 -0.32 -2.81 24.44
CA VAL A 79 1.09 -3.00 24.77
C VAL A 79 1.20 -3.52 26.20
N THR A 80 2.06 -4.51 26.40
CA THR A 80 2.30 -5.10 27.71
C THR A 80 3.76 -4.87 28.04
N ASN A 81 4.03 -4.01 29.01
CA ASN A 81 5.42 -3.74 29.37
C ASN A 81 6.01 -4.93 30.10
N HIS A 82 7.31 -5.16 29.90
CA HIS A 82 8.03 -6.26 30.54
C HIS A 82 9.16 -5.69 31.38
N GLU A 83 9.35 -6.27 32.57
CA GLU A 83 10.50 -5.89 33.41
C GLU A 83 11.83 -6.17 32.73
N ASP A 84 11.81 -6.78 31.55
CA ASP A 84 12.99 -7.01 30.71
C ASP A 84 13.43 -5.76 29.95
N ASN A 85 12.92 -4.57 30.29
CA ASN A 85 13.05 -3.34 29.49
C ASN A 85 12.36 -3.44 28.13
N THR A 86 11.78 -4.59 27.80
CA THR A 86 11.18 -4.87 26.50
C THR A 86 9.66 -4.72 26.56
N VAL A 87 9.03 -4.84 25.39
CA VAL A 87 7.59 -4.70 25.24
C VAL A 87 7.07 -5.84 24.37
N SER A 88 5.76 -6.01 24.36
CA SER A 88 5.09 -6.89 23.43
C SER A 88 3.76 -6.25 23.08
N TYR A 89 3.20 -6.62 21.94
CA TYR A 89 2.00 -5.98 21.43
C TYR A 89 0.98 -7.02 21.01
N SER A 90 -0.28 -6.70 21.26
CA SER A 90 -1.39 -7.54 20.87
C SER A 90 -2.50 -6.65 20.32
N VAL A 91 -3.48 -7.27 19.65
CA VAL A 91 -4.70 -6.59 19.23
C VAL A 91 -5.82 -7.02 20.17
N ASN A 92 -6.36 -6.08 20.91
CA ASN A 92 -7.49 -6.38 21.78
C ASN A 92 -8.78 -6.10 21.01
N CYS A 93 -9.46 -7.16 20.59
CA CYS A 93 -10.74 -6.98 19.92
C CYS A 93 -11.76 -6.44 20.90
N ASN A 94 -11.84 -5.12 20.98
CA ASN A 94 -12.59 -4.37 21.96
C ASN A 94 -14.02 -4.07 21.54
N ASN A 95 -14.26 -3.97 20.24
CA ASN A 95 -15.41 -3.25 19.70
C ASN A 95 -15.46 -1.81 20.20
N GLU A 96 -14.30 -1.28 20.61
CA GLU A 96 -14.22 0.09 21.12
C GLU A 96 -14.70 1.09 20.08
N GLY A 97 -14.43 0.84 18.81
CA GLY A 97 -14.98 1.66 17.73
C GLY A 97 -14.01 2.08 16.65
N ALA A 98 -14.54 2.28 15.44
CA ALA A 98 -13.82 2.83 14.31
C ALA A 98 -14.48 4.14 13.91
N LEU A 99 -13.82 4.89 13.01
CA LEU A 99 -14.31 6.20 12.60
C LEU A 99 -14.97 6.10 11.23
N PHE A 100 -16.12 6.76 11.07
CA PHE A 100 -16.76 6.92 9.77
C PHE A 100 -16.99 8.41 9.55
N ILE A 101 -16.29 8.97 8.56
CA ILE A 101 -16.24 10.41 8.34
C ILE A 101 -16.88 10.71 7.00
N HIS A 102 -17.89 11.58 7.02
CA HIS A 102 -18.50 12.13 5.81
C HIS A 102 -17.95 13.53 5.60
N ALA A 103 -17.40 13.79 4.41
CA ALA A 103 -16.72 15.05 4.14
C ALA A 103 -17.10 15.54 2.74
N GLU A 104 -16.70 16.78 2.46
CA GLU A 104 -16.93 17.39 1.16
C GLU A 104 -15.73 18.24 0.75
N ALA A 105 -15.33 18.12 -0.51
CA ALA A 105 -14.23 18.92 -1.04
C ALA A 105 -14.76 19.85 -2.12
N LYS A 106 -14.37 21.12 -2.03
CA LYS A 106 -14.79 22.15 -2.97
C LYS A 106 -13.63 22.52 -3.88
N ASP A 107 -13.97 22.92 -5.10
CA ASP A 107 -12.98 23.35 -6.10
C ASP A 107 -12.01 22.24 -6.43
N ILE A 108 -12.52 21.01 -6.53
CA ILE A 108 -11.72 19.87 -6.98
C ILE A 108 -12.69 18.84 -7.53
N SER A 109 -12.45 18.41 -8.77
CA SER A 109 -13.36 17.52 -9.47
C SER A 109 -12.70 16.18 -9.77
N VAL A 110 -13.52 15.16 -10.04
CA VAL A 110 -13.00 13.89 -10.52
C VAL A 110 -12.10 14.12 -11.72
N GLY A 111 -12.55 14.94 -12.67
CA GLY A 111 -11.78 15.17 -13.89
C GLY A 111 -10.42 15.77 -13.62
N GLU A 112 -10.35 16.75 -12.70
CA GLU A 112 -9.06 17.36 -12.35
C GLU A 112 -8.10 16.31 -11.79
N ILE A 113 -8.60 15.43 -10.93
CA ILE A 113 -7.74 14.41 -10.34
C ILE A 113 -7.19 13.51 -11.42
N LEU A 114 -8.00 13.21 -12.44
CA LEU A 114 -7.61 12.27 -13.48
C LEU A 114 -6.67 12.90 -14.49
N GLU A 115 -6.85 14.18 -14.80
CA GLU A 115 -6.13 14.78 -15.92
C GLU A 115 -4.94 15.64 -15.50
N SER A 116 -4.87 16.10 -14.26
CA SER A 116 -3.73 16.91 -13.85
C SER A 116 -2.45 16.09 -13.89
N THR A 117 -1.39 16.71 -14.41
CA THR A 117 -0.11 16.00 -14.47
C THR A 117 0.36 15.62 -13.07
N TYR A 118 0.18 16.50 -12.10
CA TYR A 118 0.58 16.26 -10.73
C TYR A 118 -0.65 16.18 -9.82
N LEU A 119 -0.62 15.25 -8.88
CA LEU A 119 -1.78 15.01 -8.04
C LEU A 119 -2.10 16.27 -7.25
N PRO A 120 -3.31 16.80 -7.34
CA PRO A 120 -3.68 17.90 -6.43
C PRO A 120 -3.48 17.45 -4.99
N VAL A 121 -2.71 18.23 -4.24
CA VAL A 121 -2.33 17.84 -2.89
C VAL A 121 -3.54 17.69 -1.98
N ILE A 122 -4.68 18.30 -2.34
CA ILE A 122 -5.89 18.15 -1.52
C ILE A 122 -6.33 16.69 -1.43
N LEU A 123 -5.98 15.86 -2.41
CA LEU A 123 -6.42 14.47 -2.35
C LEU A 123 -5.88 13.75 -1.13
N TYR A 124 -4.68 14.10 -0.66
CA TYR A 124 -4.19 13.48 0.57
C TYR A 124 -5.11 13.77 1.76
N SER A 125 -5.83 14.90 1.74
CA SER A 125 -6.81 15.17 2.79
C SER A 125 -8.05 14.28 2.69
N PHE A 126 -8.18 13.49 1.62
CA PHE A 126 -9.30 12.56 1.47
C PHE A 126 -9.14 11.33 2.34
N PHE A 127 -7.97 11.11 2.94
CA PHE A 127 -7.73 9.94 3.77
C PHE A 127 -7.81 10.31 5.25
N PRO A 128 -8.41 9.48 6.10
CA PRO A 128 -8.48 9.79 7.52
C PRO A 128 -7.29 9.25 8.29
N LEU A 129 -7.10 9.79 9.50
CA LEU A 129 -6.03 9.39 10.43
C LEU A 129 -4.64 9.67 9.86
N ASN A 130 -4.50 10.80 9.17
CA ASN A 130 -3.21 11.19 8.62
C ASN A 130 -2.17 11.45 9.72
N GLY A 131 -0.90 11.17 9.41
CA GLY A 131 0.20 11.41 10.33
C GLY A 131 0.34 10.37 11.44
N VAL A 132 -0.77 9.73 11.81
CA VAL A 132 -0.74 8.75 12.88
C VAL A 132 0.30 7.68 12.58
N LYS A 133 1.11 7.33 13.58
CA LYS A 133 2.00 6.18 13.54
C LYS A 133 1.32 5.00 14.21
N ASN A 134 1.75 3.78 13.87
CA ASN A 134 0.92 2.64 14.22
C ASN A 134 0.99 2.26 15.69
N TYR A 135 2.04 2.66 16.42
CA TYR A 135 2.08 2.34 17.84
C TYR A 135 1.04 3.16 18.62
N GLN A 136 0.58 4.27 18.06
CA GLN A 136 -0.50 5.04 18.69
C GLN A 136 -1.84 4.31 18.67
N GLY A 137 -1.92 3.15 18.01
CA GLY A 137 -3.13 2.37 18.01
C GLY A 137 -3.57 1.85 19.36
N THR A 138 -2.75 2.02 20.41
CA THR A 138 -3.22 1.61 21.73
C THR A 138 -4.37 2.49 22.19
N THR A 139 -4.36 3.76 21.83
CA THR A 139 -5.48 4.62 22.17
C THR A 139 -6.23 5.13 20.95
N LYS A 140 -5.53 5.44 19.85
CA LYS A 140 -6.17 5.95 18.64
C LYS A 140 -6.83 4.81 17.86
N PRO A 141 -7.78 5.13 16.98
CA PRO A 141 -8.52 4.06 16.30
C PRO A 141 -7.59 3.23 15.40
N LEU A 142 -7.99 1.98 15.18
CA LEU A 142 -7.28 1.11 14.26
C LEU A 142 -7.81 1.21 12.84
N PHE A 143 -8.97 1.84 12.64
CA PHE A 143 -9.62 1.85 11.34
C PHE A 143 -10.47 3.09 11.18
N ALA A 144 -10.46 3.67 9.99
CA ALA A 144 -11.31 4.82 9.68
C ALA A 144 -11.55 4.88 8.19
N VAL A 145 -12.78 5.21 7.82
CA VAL A 145 -13.20 5.42 6.44
C VAL A 145 -13.65 6.86 6.31
N GLN A 146 -13.25 7.50 5.23
CA GLN A 146 -13.74 8.84 4.92
C GLN A 146 -14.33 8.82 3.52
N VAL A 147 -15.60 9.21 3.41
CA VAL A 147 -16.28 9.37 2.13
C VAL A 147 -16.36 10.87 1.86
N THR A 148 -15.60 11.36 0.88
CA THR A 148 -15.52 12.78 0.56
C THR A 148 -16.33 13.06 -0.70
N GLU A 149 -17.25 14.00 -0.60
CA GLU A 149 -18.08 14.36 -1.75
C GLU A 149 -17.41 15.41 -2.60
N LEU A 150 -17.31 15.12 -3.89
CA LEU A 150 -16.81 16.04 -4.90
C LEU A 150 -17.97 16.53 -5.74
N ILE A 151 -17.70 17.52 -6.58
CA ILE A 151 -18.77 18.09 -7.38
C ILE A 151 -19.31 17.06 -8.37
N ASP A 152 -18.47 16.16 -8.87
CA ASP A 152 -18.88 15.19 -9.87
C ASP A 152 -18.50 13.77 -9.49
N GLY A 153 -18.46 13.47 -8.19
CA GLY A 153 -18.13 12.11 -7.76
C GLY A 153 -17.92 12.06 -6.26
N ILE A 154 -17.30 10.97 -5.81
CA ILE A 154 -16.90 10.77 -4.43
C ILE A 154 -15.53 10.11 -4.38
N PHE A 155 -14.92 10.15 -3.21
CA PHE A 155 -13.70 9.43 -2.94
C PHE A 155 -13.93 8.66 -1.64
N ILE A 156 -13.56 7.38 -1.65
CA ILE A 156 -13.61 6.55 -0.45
C ILE A 156 -12.18 6.22 -0.10
N GLY A 157 -11.70 6.80 1.00
CA GLY A 157 -10.35 6.57 1.47
C GLY A 157 -10.35 5.90 2.84
N CYS A 158 -9.64 4.79 2.93
CA CYS A 158 -9.57 4.01 4.15
C CYS A 158 -8.22 4.15 4.83
N ALA A 159 -8.21 4.00 6.14
CA ALA A 159 -6.97 3.94 6.89
C ALA A 159 -7.09 2.79 7.87
N ILE A 160 -6.18 1.82 7.77
CA ILE A 160 -6.13 0.70 8.70
C ILE A 160 -4.72 0.60 9.26
N ASN A 161 -4.61 0.42 10.56
CA ASN A 161 -3.32 0.29 11.23
C ASN A 161 -2.44 -0.73 10.50
N HIS A 162 -1.22 -0.31 10.12
CA HIS A 162 -0.40 -1.20 9.29
C HIS A 162 0.19 -2.37 10.06
N SER A 163 0.15 -2.36 11.39
CA SER A 163 0.48 -3.55 12.15
C SER A 163 -0.71 -4.49 12.27
N VAL A 164 -1.83 -4.17 11.65
CA VAL A 164 -3.01 -5.03 11.63
C VAL A 164 -3.18 -5.71 10.28
N VAL A 165 -3.12 -4.95 9.18
CA VAL A 165 -3.17 -5.53 7.85
C VAL A 165 -2.01 -5.02 7.00
N ASP A 166 -1.61 -5.85 6.01
CA ASP A 166 -0.78 -5.37 4.91
C ASP A 166 -1.71 -4.96 3.78
N GLY A 167 -1.16 -4.65 2.60
CA GLY A 167 -2.01 -4.25 1.50
C GLY A 167 -2.91 -5.36 1.00
N THR A 168 -2.42 -6.61 1.01
CA THR A 168 -3.22 -7.72 0.50
C THR A 168 -4.47 -7.90 1.36
N ALA A 169 -4.30 -7.95 2.67
CA ALA A 169 -5.46 -7.98 3.56
C ALA A 169 -6.30 -6.71 3.42
N PHE A 170 -5.64 -5.57 3.22
CA PHE A 170 -6.37 -4.30 3.10
C PHE A 170 -7.34 -4.34 1.92
N TRP A 171 -6.85 -4.74 0.73
CA TRP A 171 -7.72 -4.73 -0.44
C TRP A 171 -8.72 -5.87 -0.40
N TYR A 172 -8.43 -6.95 0.32
CA TYR A 172 -9.44 -7.97 0.55
C TYR A 172 -10.63 -7.39 1.33
N PHE A 173 -10.36 -6.53 2.32
CA PHE A 173 -11.43 -5.89 3.07
C PHE A 173 -12.27 -4.98 2.17
N ILE A 174 -11.61 -4.14 1.38
CA ILE A 174 -12.34 -3.29 0.46
C ILE A 174 -13.16 -4.13 -0.52
N ASN A 175 -12.56 -5.15 -1.13
CA ASN A 175 -13.30 -6.05 -2.02
C ASN A 175 -14.57 -6.56 -1.35
N THR A 176 -14.46 -7.04 -0.11
CA THR A 176 -15.62 -7.58 0.59
C THR A 176 -16.67 -6.51 0.82
N TRP A 177 -16.25 -5.36 1.35
CA TRP A 177 -17.21 -4.28 1.62
C TRP A 177 -17.96 -3.90 0.36
N ALA A 178 -17.27 -3.84 -0.79
CA ALA A 178 -17.95 -3.50 -2.03
C ALA A 178 -18.86 -4.63 -2.52
N LYS A 179 -18.50 -5.89 -2.27
CA LYS A 179 -19.38 -7.00 -2.62
C LYS A 179 -20.72 -6.88 -1.88
N ILE A 180 -20.66 -6.73 -0.56
CA ILE A 180 -21.86 -6.64 0.28
C ILE A 180 -22.72 -5.44 -0.14
N SER A 181 -22.10 -4.27 -0.35
CA SER A 181 -22.88 -3.09 -0.70
C SER A 181 -23.60 -3.27 -2.03
N LYS A 182 -23.01 -4.01 -2.96
CA LYS A 182 -23.66 -4.25 -4.25
C LYS A 182 -24.84 -5.20 -4.11
N GLY A 183 -24.75 -6.14 -3.18
CA GLY A 183 -25.77 -7.17 -2.98
C GLY A 183 -25.22 -8.58 -2.94
N ILE A 187 -22.96 -13.14 0.07
CA ILE A 187 -21.86 -13.28 1.02
C ILE A 187 -20.72 -14.08 0.41
N SER A 188 -19.65 -14.24 1.18
CA SER A 188 -18.43 -14.90 0.70
C SER A 188 -17.80 -15.63 1.88
N PRO A 189 -16.76 -16.49 1.61
CA PRO A 189 -16.06 -17.18 2.71
C PRO A 189 -15.54 -16.22 3.80
N VAL A 190 -15.22 -16.77 4.96
CA VAL A 190 -14.90 -15.97 6.14
C VAL A 190 -13.39 -15.88 6.30
N PRO A 191 -12.82 -14.68 6.45
CA PRO A 191 -11.37 -14.56 6.65
C PRO A 191 -10.96 -14.99 8.05
N SER A 192 -9.67 -14.91 8.35
CA SER A 192 -9.14 -15.33 9.63
C SER A 192 -8.09 -14.35 10.12
N PHE A 193 -8.18 -13.93 11.37
CA PHE A 193 -7.21 -13.04 11.99
C PHE A 193 -6.22 -13.78 12.86
N LYS A 194 -6.41 -15.09 13.06
CA LYS A 194 -5.49 -15.89 13.84
C LYS A 194 -4.14 -15.93 13.14
N ARG A 195 -3.11 -15.42 13.81
CA ARG A 195 -1.82 -15.22 13.18
C ARG A 195 -1.08 -16.55 13.02
N TRP A 196 -0.16 -16.56 12.07
CA TRP A 196 0.65 -17.75 11.79
C TRP A 196 1.92 -17.69 12.62
N PHE A 197 2.18 -18.76 13.37
CA PHE A 197 3.36 -18.84 14.20
C PHE A 197 4.07 -20.16 13.95
N PRO A 198 5.37 -20.15 13.67
CA PRO A 198 6.14 -21.41 13.70
C PRO A 198 6.28 -21.89 15.15
N ASP A 199 6.39 -23.20 15.30
CA ASP A 199 6.41 -23.71 16.67
C ASP A 199 7.72 -23.37 17.40
N SER A 200 8.67 -22.77 16.70
CA SER A 200 9.90 -22.28 17.31
C SER A 200 9.75 -20.94 18.04
N VAL A 201 8.61 -20.26 17.92
CA VAL A 201 8.39 -18.97 18.59
C VAL A 201 7.10 -19.02 19.40
N GLN A 202 7.19 -18.68 20.70
CA GLN A 202 5.98 -18.50 21.48
C GLN A 202 5.38 -17.12 21.20
N PRO A 203 4.07 -17.02 21.02
CA PRO A 203 3.45 -15.82 20.43
C PRO A 203 3.85 -14.53 21.12
N PRO A 204 3.83 -14.41 22.46
CA PRO A 204 4.14 -13.10 23.05
C PRO A 204 5.56 -12.66 22.74
N ILE A 205 5.76 -11.99 21.61
CA ILE A 205 7.08 -11.65 21.09
C ILE A 205 7.54 -10.35 21.74
N ARG A 206 8.75 -10.35 22.31
CA ARG A 206 9.25 -9.24 23.10
C ARG A 206 10.48 -8.62 22.44
N PHE A 207 10.56 -7.29 22.49
CA PHE A 207 11.57 -6.54 21.76
C PHE A 207 11.72 -5.15 22.38
N GLN A 208 12.70 -4.40 21.88
CA GLN A 208 12.94 -3.01 22.26
C GLN A 208 12.45 -2.07 21.15
N PHE A 209 12.32 -0.77 21.47
CA PHE A 209 11.46 0.07 20.64
C PHE A 209 12.21 1.13 19.80
N PRO A 210 12.51 2.39 20.27
CA PRO A 210 13.32 3.12 19.29
C PRO A 210 14.45 3.94 19.92
N LYS A 223 12.89 19.49 -2.70
CA LYS A 223 12.63 18.87 -1.40
C LYS A 223 11.12 18.63 -1.09
N PRO A 224 10.22 19.56 -1.45
CA PRO A 224 8.79 19.24 -1.31
C PRO A 224 8.41 18.09 -2.25
N MET A 225 7.39 17.33 -1.85
CA MET A 225 7.06 16.11 -2.55
C MET A 225 5.98 16.34 -3.60
N PHE A 226 6.24 15.91 -4.82
CA PHE A 226 5.24 15.90 -5.87
C PHE A 226 4.90 14.46 -6.24
N GLU A 227 3.77 14.28 -6.91
CA GLU A 227 3.33 12.93 -7.27
C GLU A 227 2.80 12.95 -8.69
N ARG A 228 3.25 11.99 -9.50
CA ARG A 228 2.81 11.81 -10.88
C ARG A 228 2.41 10.36 -11.08
N LEU A 229 1.44 10.12 -11.96
CA LEU A 229 0.91 8.79 -12.23
C LEU A 229 1.30 8.40 -13.64
N PHE A 230 2.17 7.39 -13.77
CA PHE A 230 2.66 6.92 -15.06
C PHE A 230 1.98 5.61 -15.42
N HIS A 231 1.38 5.56 -16.61
CA HIS A 231 0.64 4.39 -17.04
C HIS A 231 1.53 3.45 -17.84
N PHE A 232 1.36 2.15 -17.60
CA PHE A 232 2.08 1.11 -18.34
C PHE A 232 1.04 0.20 -18.98
N SER A 233 0.85 0.34 -20.29
CA SER A 233 -0.08 -0.51 -21.02
C SER A 233 0.35 -1.96 -20.98
N LYS A 234 -0.63 -2.86 -21.10
CA LYS A 234 -0.34 -4.29 -21.22
C LYS A 234 0.74 -4.55 -22.27
N GLU A 235 0.58 -3.92 -23.45
CA GLU A 235 1.53 -4.14 -24.54
C GLU A 235 2.93 -3.67 -24.14
N ASN A 236 3.04 -2.49 -23.51
CA ASN A 236 4.34 -1.94 -23.17
C ASN A 236 5.04 -2.74 -22.08
N ILE A 237 4.27 -3.33 -21.16
CA ILE A 237 4.87 -4.21 -20.16
C ILE A 237 5.50 -5.42 -20.84
N ALA A 238 4.80 -6.03 -21.80
CA ALA A 238 5.37 -7.17 -22.52
C ALA A 238 6.62 -6.76 -23.28
N LYS A 239 6.62 -5.56 -23.88
CA LYS A 239 7.84 -5.05 -24.50
C LYS A 239 8.98 -4.99 -23.50
N LEU A 240 8.72 -4.43 -22.31
CA LEU A 240 9.77 -4.32 -21.31
C LEU A 240 10.18 -5.69 -20.77
N LYS A 241 9.24 -6.63 -20.66
CA LYS A 241 9.61 -7.98 -20.25
C LYS A 241 10.55 -8.63 -21.26
N SER A 242 10.24 -8.49 -22.55
CA SER A 242 11.10 -9.05 -23.59
C SER A 242 12.48 -8.42 -23.55
N LYS A 243 12.52 -7.08 -23.62
CA LYS A 243 13.82 -6.40 -23.63
C LYS A 243 14.67 -6.86 -22.45
N ALA A 244 14.10 -6.91 -21.26
CA ALA A 244 14.88 -7.28 -20.08
C ALA A 244 15.40 -8.72 -20.18
N ASN A 245 14.55 -9.65 -20.63
CA ASN A 245 15.03 -11.02 -20.80
C ASN A 245 16.05 -11.13 -21.92
N LEU A 246 15.78 -10.49 -23.06
CA LEU A 246 16.74 -10.49 -24.17
C LEU A 246 18.11 -9.97 -23.69
N GLU A 247 18.16 -8.73 -23.21
CA GLU A 247 19.42 -8.11 -22.82
C GLU A 247 20.17 -8.94 -21.80
N ALA A 248 19.45 -9.47 -20.80
CA ALA A 248 20.10 -10.26 -19.76
C ALA A 248 20.36 -11.70 -20.18
N GLY A 249 19.89 -12.10 -21.37
CA GLY A 249 19.99 -13.49 -21.80
C GLY A 249 19.33 -14.45 -20.83
N LYS A 250 18.07 -14.20 -20.49
CA LYS A 250 17.36 -14.99 -19.50
C LYS A 250 15.92 -15.17 -19.98
N THR A 251 15.13 -15.93 -19.20
CA THR A 251 13.70 -16.06 -19.48
C THR A 251 12.79 -15.80 -18.28
N ARG A 252 13.29 -15.83 -17.04
CA ARG A 252 12.45 -15.80 -15.86
C ARG A 252 12.35 -14.40 -15.22
N ILE A 253 12.76 -13.35 -15.93
CA ILE A 253 12.54 -11.99 -15.48
C ILE A 253 11.06 -11.65 -15.65
N SER A 254 10.39 -11.34 -14.56
CA SER A 254 8.94 -11.17 -14.59
C SER A 254 8.53 -9.85 -15.24
N SER A 255 7.25 -9.76 -15.60
CA SER A 255 6.68 -8.48 -16.00
C SER A 255 6.99 -7.40 -14.97
N LEU A 256 6.73 -7.70 -13.70
CA LEU A 256 6.87 -6.68 -12.67
C LEU A 256 8.33 -6.26 -12.48
N GLN A 257 9.26 -7.22 -12.51
CA GLN A 257 10.69 -6.89 -12.37
C GLN A 257 11.15 -5.96 -13.49
N ALA A 258 10.60 -6.12 -14.70
CA ALA A 258 10.95 -5.25 -15.82
C ALA A 258 10.41 -3.84 -15.65
N VAL A 259 9.18 -3.72 -15.15
CA VAL A 259 8.63 -2.39 -14.87
C VAL A 259 9.43 -1.71 -13.76
N PHE A 260 9.67 -2.43 -12.67
CA PHE A 260 10.44 -1.90 -11.56
C PHE A 260 11.78 -1.33 -12.03
N THR A 261 12.47 -2.05 -12.91
CA THR A 261 13.78 -1.63 -13.40
C THR A 261 13.67 -0.49 -14.40
N HIS A 262 12.60 -0.47 -15.19
CA HIS A 262 12.38 0.64 -16.12
C HIS A 262 12.17 1.95 -15.38
N ILE A 263 11.37 1.96 -14.31
CA ILE A 263 11.17 3.20 -13.57
C ILE A 263 12.41 3.51 -12.73
N TRP A 264 13.10 2.48 -12.24
CA TRP A 264 14.36 2.68 -11.53
C TRP A 264 15.37 3.42 -12.40
N ARG A 265 15.50 3.02 -13.66
CA ARG A 265 16.41 3.72 -14.57
C ARG A 265 15.99 5.17 -14.77
N ALA A 266 14.68 5.43 -14.93
CA ALA A 266 14.28 6.81 -15.20
C ALA A 266 14.55 7.71 -14.00
N ILE A 267 14.24 7.23 -12.80
CA ILE A 267 14.47 8.01 -11.58
C ILE A 267 15.95 8.30 -11.42
N VAL A 268 16.79 7.27 -11.58
CA VAL A 268 18.22 7.44 -11.39
C VAL A 268 18.82 8.31 -12.49
N ARG A 269 18.31 8.19 -13.71
CA ARG A 269 18.79 9.10 -14.75
C ARG A 269 18.48 10.54 -14.41
N SER A 270 17.30 10.79 -13.82
CA SER A 270 16.90 12.16 -13.49
C SER A 270 17.78 12.78 -12.41
N ARG A 271 18.45 11.95 -11.60
CA ARG A 271 19.35 12.47 -10.56
C ARG A 271 20.66 12.98 -11.14
N SER A 272 20.97 12.65 -12.39
CA SER A 272 22.27 12.91 -13.01
C SER A 272 23.41 12.67 -12.00
N VAL A 273 23.41 11.48 -11.42
CA VAL A 273 24.34 11.15 -10.33
C VAL A 273 25.60 10.53 -10.94
N ASP A 274 26.59 10.18 -10.06
CA ASP A 274 27.87 9.62 -10.49
C ASP A 274 27.70 8.14 -10.86
N PRO A 275 28.30 7.70 -11.97
CA PRO A 275 28.14 6.30 -12.38
C PRO A 275 28.58 5.29 -11.34
N GLN A 276 29.49 5.64 -10.44
CA GLN A 276 29.96 4.68 -9.44
C GLN A 276 29.13 4.73 -8.16
N GLU A 277 27.98 5.41 -8.18
CA GLU A 277 27.18 5.57 -6.98
C GLU A 277 26.46 4.28 -6.62
N GLU A 278 26.48 3.95 -5.34
CA GLU A 278 25.84 2.74 -4.84
C GLU A 278 24.35 2.99 -4.62
N LEU A 279 23.51 2.23 -5.31
CA LEU A 279 22.06 2.43 -5.30
C LEU A 279 21.37 1.34 -4.50
N LYS A 280 20.16 1.65 -4.06
CA LYS A 280 19.32 0.71 -3.33
C LYS A 280 17.89 0.81 -3.86
N PHE A 281 17.23 -0.33 -3.97
CA PHE A 281 15.85 -0.39 -4.48
C PHE A 281 15.11 -1.39 -3.61
N GLY A 282 14.21 -0.89 -2.75
CA GLY A 282 13.54 -1.73 -1.77
C GLY A 282 12.18 -2.22 -2.24
N ILE A 283 11.96 -3.53 -2.14
CA ILE A 283 10.75 -4.17 -2.62
C ILE A 283 10.10 -4.95 -1.48
N ASP A 284 8.77 -5.01 -1.50
CA ASP A 284 8.02 -5.83 -0.57
C ASP A 284 7.81 -7.20 -1.17
N ILE A 285 8.05 -8.23 -0.38
CA ILE A 285 7.91 -9.62 -0.81
C ILE A 285 6.72 -10.21 -0.07
N GLY A 286 5.61 -10.41 -0.80
CA GLY A 286 4.50 -11.15 -0.25
C GLY A 286 4.91 -12.57 0.09
N VAL A 287 4.62 -13.00 1.31
CA VAL A 287 5.11 -14.27 1.83
C VAL A 287 3.98 -15.25 2.13
N ARG A 288 2.74 -14.90 1.79
CA ARG A 288 1.63 -15.83 1.97
C ARG A 288 1.83 -17.17 1.26
N PRO A 289 2.44 -17.27 0.05
CA PRO A 289 2.64 -18.60 -0.54
C PRO A 289 3.88 -19.31 -0.02
N ARG A 290 4.23 -19.08 1.25
CA ARG A 290 5.38 -19.73 1.85
C ARG A 290 5.08 -20.18 3.27
N LEU A 291 3.83 -20.16 3.70
CA LEU A 291 3.46 -20.51 5.07
C LEU A 291 3.33 -22.03 5.22
N THR A 292 3.32 -22.50 6.47
CA THR A 292 3.20 -23.94 6.71
C THR A 292 1.93 -24.51 6.07
N PRO A 293 0.75 -23.93 6.27
CA PRO A 293 -0.32 -24.11 5.28
C PRO A 293 -0.50 -22.84 4.46
N PRO A 294 -0.43 -22.92 3.14
CA PRO A 294 -0.62 -21.72 2.31
C PRO A 294 -1.95 -21.05 2.60
N ARG A 295 -1.95 -19.72 2.54
CA ARG A 295 -3.15 -18.93 2.76
C ARG A 295 -3.31 -17.91 1.64
N LYS A 296 -4.52 -17.35 1.53
CA LYS A 296 -4.86 -16.35 0.53
C LYS A 296 -4.95 -14.98 1.19
N ASN A 297 -5.62 -14.04 0.52
CA ASN A 297 -5.94 -12.78 1.18
C ASN A 297 -6.96 -12.97 2.30
N ASP A 298 -7.48 -14.19 2.48
CA ASP A 298 -8.31 -14.51 3.63
C ASP A 298 -7.54 -14.37 4.94
N TYR A 299 -6.21 -14.54 4.88
CA TYR A 299 -5.33 -14.29 6.03
C TYR A 299 -5.27 -12.78 6.25
N PHE A 300 -6.02 -12.30 7.25
CA PHE A 300 -6.20 -10.87 7.47
C PHE A 300 -5.16 -10.37 8.46
N ALA A 301 -3.99 -10.02 7.93
CA ALA A 301 -2.80 -9.71 8.73
C ALA A 301 -1.69 -9.30 7.78
N ASN A 302 -0.53 -9.01 8.34
CA ASN A 302 0.66 -8.72 7.54
C ASN A 302 1.40 -10.03 7.28
N ALA A 303 1.85 -10.20 6.04
CA ALA A 303 2.69 -11.34 5.66
C ALA A 303 3.62 -10.84 4.54
N VAL A 304 4.57 -9.99 4.91
CA VAL A 304 5.41 -9.28 3.95
C VAL A 304 6.78 -9.03 4.59
N VAL A 305 7.84 -9.20 3.80
CA VAL A 305 9.22 -8.93 4.24
C VAL A 305 9.83 -7.95 3.26
N GLU A 306 10.73 -7.10 3.74
CA GLU A 306 11.35 -6.11 2.86
C GLU A 306 12.69 -6.63 2.39
N CYS A 307 12.95 -6.51 1.11
CA CYS A 307 14.22 -6.95 0.52
C CYS A 307 14.82 -5.77 -0.24
N ALA A 308 16.14 -5.67 -0.27
CA ALA A 308 16.82 -4.53 -0.90
C ALA A 308 17.74 -5.01 -2.02
N VAL A 309 17.57 -4.47 -3.21
CA VAL A 309 18.39 -4.76 -4.38
C VAL A 309 19.44 -3.67 -4.50
N THR A 310 20.70 -4.07 -4.59
CA THR A 310 21.80 -3.13 -4.67
C THR A 310 22.39 -3.15 -6.09
N MET A 311 22.94 -2.01 -6.48
CA MET A 311 23.50 -1.84 -7.82
C MET A 311 24.21 -0.50 -7.84
N LYS A 312 25.17 -0.39 -8.77
CA LYS A 312 25.82 0.88 -9.04
C LYS A 312 25.08 1.61 -10.15
N ALA A 313 25.12 2.94 -10.09
CA ALA A 313 24.30 3.74 -11.00
C ALA A 313 24.70 3.53 -12.46
N GLY A 314 26.00 3.37 -12.72
CA GLY A 314 26.44 3.19 -14.10
C GLY A 314 26.00 1.86 -14.65
N GLU A 315 26.08 0.79 -13.84
CA GLU A 315 25.54 -0.50 -14.22
C GLU A 315 24.06 -0.40 -14.58
N LEU A 316 23.29 0.39 -13.81
CA LEU A 316 21.86 0.49 -14.08
C LEU A 316 21.58 1.26 -15.34
N LEU A 317 22.38 2.31 -15.61
CA LEU A 317 22.08 3.23 -16.70
C LEU A 317 22.74 2.85 -18.01
N GLU A 318 23.83 2.07 -17.97
CA GLU A 318 24.50 1.59 -19.17
C GLU A 318 23.53 0.79 -20.06
N ASP A 319 23.85 0.73 -21.35
CA ASP A 319 23.08 -0.10 -22.27
C ASP A 319 23.03 -1.54 -21.76
N GLY A 320 21.86 -2.16 -21.87
CA GLY A 320 21.64 -3.46 -21.28
C GLY A 320 21.32 -3.44 -19.80
N GLY A 321 21.35 -2.27 -19.16
CA GLY A 321 21.15 -2.18 -17.72
C GLY A 321 19.74 -2.49 -17.28
N LEU A 322 18.77 -2.33 -18.17
CA LEU A 322 17.42 -2.83 -17.91
C LEU A 322 17.45 -4.33 -17.60
N GLY A 323 18.17 -5.10 -18.41
CA GLY A 323 18.32 -6.52 -18.14
C GLY A 323 19.12 -6.81 -16.89
N LYS A 324 20.21 -6.09 -16.67
CA LYS A 324 21.05 -6.40 -15.51
C LYS A 324 20.34 -6.06 -14.21
N GLY A 325 19.69 -4.88 -14.18
CA GLY A 325 18.93 -4.53 -12.99
C GLY A 325 17.80 -5.49 -12.69
N ALA A 326 17.01 -5.83 -13.71
CA ALA A 326 15.92 -6.78 -13.51
C ALA A 326 16.41 -8.15 -13.05
N TRP A 327 17.49 -8.66 -13.63
CA TRP A 327 17.98 -9.97 -13.18
C TRP A 327 18.46 -9.90 -11.74
N GLU A 328 19.09 -8.78 -11.37
CA GLU A 328 19.50 -8.59 -9.98
C GLU A 328 18.30 -8.63 -9.05
N MET A 329 17.19 -7.98 -9.43
CA MET A 329 15.96 -8.10 -8.66
C MET A 329 15.49 -9.54 -8.61
N ASN A 330 15.47 -10.20 -9.78
CA ASN A 330 15.06 -11.60 -9.84
C ASN A 330 15.82 -12.44 -8.83
N GLN A 331 17.16 -12.32 -8.83
CA GLN A 331 17.97 -13.19 -7.99
C GLN A 331 17.85 -12.84 -6.52
N LYS A 332 17.72 -11.55 -6.21
CA LYS A 332 17.61 -11.16 -4.82
C LYS A 332 16.31 -11.68 -4.22
N ILE A 333 15.22 -11.56 -4.98
CA ILE A 333 13.94 -12.10 -4.55
C ILE A 333 14.04 -13.61 -4.32
N ALA A 334 14.68 -14.32 -5.26
CA ALA A 334 14.74 -15.78 -5.20
C ALA A 334 15.29 -16.27 -3.87
N LEU A 335 16.20 -15.51 -3.26
CA LEU A 335 16.71 -15.87 -1.94
C LEU A 335 15.63 -16.03 -0.88
N TYR A 336 14.40 -15.55 -1.11
CA TYR A 336 13.39 -15.51 -0.06
C TYR A 336 12.43 -16.70 -0.19
N ASN A 337 12.97 -17.88 0.11
CA ASN A 337 12.21 -19.12 0.15
C ASN A 337 11.74 -19.39 1.58
N ASP A 338 10.99 -20.49 1.77
CA ASP A 338 10.36 -20.77 3.05
C ASP A 338 11.36 -20.71 4.20
N GLU A 339 12.56 -21.24 3.99
CA GLU A 339 13.54 -21.28 5.07
C GLU A 339 14.21 -19.94 5.31
N MET A 340 14.31 -19.10 4.28
CA MET A 340 14.82 -17.76 4.52
C MET A 340 13.84 -16.97 5.37
N VAL A 341 12.55 -17.08 5.05
CA VAL A 341 11.54 -16.33 5.78
C VAL A 341 11.38 -16.87 7.19
N LYS A 342 11.39 -18.20 7.35
CA LYS A 342 11.25 -18.77 8.69
C LYS A 342 12.32 -18.23 9.63
N ASN A 343 13.56 -18.08 9.14
CA ASN A 343 14.61 -17.64 10.04
C ASN A 343 14.57 -16.13 10.29
N LEU A 344 14.19 -15.33 9.30
CA LEU A 344 13.97 -13.90 9.55
C LEU A 344 12.94 -13.74 10.67
N PHE A 345 11.81 -14.44 10.54
CA PHE A 345 10.76 -14.46 11.55
C PHE A 345 11.33 -14.71 12.95
N GLU A 346 12.02 -15.84 13.15
CA GLU A 346 12.46 -16.21 14.49
C GLU A 346 13.63 -15.38 15.00
N ASN A 347 14.46 -14.84 14.10
CA ASN A 347 15.55 -13.96 14.48
C ASN A 347 15.11 -12.52 14.71
N TRP A 348 13.83 -12.21 14.49
CA TRP A 348 13.36 -10.84 14.58
C TRP A 348 13.40 -10.32 16.02
N SER A 349 12.83 -11.10 16.96
CA SER A 349 12.89 -10.76 18.37
C SER A 349 14.29 -10.31 18.77
N THR A 350 15.30 -11.07 18.34
CA THR A 350 16.68 -10.81 18.71
C THR A 350 17.18 -9.50 18.11
N THR A 351 16.91 -9.27 16.83
CA THR A 351 17.41 -8.11 16.11
C THR A 351 16.23 -7.52 15.35
N PRO A 352 15.40 -6.72 16.03
CA PRO A 352 14.16 -6.23 15.39
C PRO A 352 14.43 -5.26 14.25
N SER A 353 13.69 -5.45 13.17
CA SER A 353 13.72 -4.57 12.01
C SER A 353 12.40 -3.82 11.93
N PHE A 354 12.47 -2.51 11.67
CA PHE A 354 11.30 -1.66 11.59
C PHE A 354 11.34 -0.80 10.33
N SER A 355 10.17 -0.59 9.73
CA SER A 355 10.02 0.40 8.66
C SER A 355 9.87 1.78 9.28
N PHE A 356 10.76 2.70 8.90
CA PHE A 356 10.67 4.08 9.37
C PHE A 356 10.27 5.00 8.22
N LEU A 357 9.74 6.16 8.58
CA LEU A 357 9.29 7.07 7.54
C LEU A 357 10.41 7.97 7.02
N GLY A 358 11.13 8.65 7.92
CA GLY A 358 12.06 9.67 7.44
C GLY A 358 11.27 10.83 6.84
N SER A 359 12.00 11.75 6.20
CA SER A 359 11.34 12.91 5.62
C SER A 359 11.75 13.07 4.16
N ASN A 360 11.37 14.20 3.58
CA ASN A 360 11.39 14.38 2.13
C ASN A 360 12.76 14.86 1.69
N LEU A 361 13.65 13.91 1.38
CA LEU A 361 15.00 14.27 1.00
C LEU A 361 15.01 14.89 -0.38
N ALA A 362 15.86 15.90 -0.56
CA ALA A 362 16.07 16.48 -1.87
C ALA A 362 16.66 15.47 -2.84
N ASP A 363 17.42 14.50 -2.33
CA ASP A 363 18.08 13.52 -3.18
C ASP A 363 18.36 12.27 -2.36
N SER A 364 18.32 11.12 -3.03
CA SER A 364 18.47 9.86 -2.33
C SER A 364 19.01 8.80 -3.26
N ASN A 365 19.83 7.91 -2.69
CA ASN A 365 20.31 6.71 -3.35
C ASN A 365 19.35 5.55 -3.22
N SER A 366 18.38 5.64 -2.31
CA SER A 366 17.41 4.57 -2.08
C SER A 366 16.09 4.92 -2.74
N VAL A 367 15.46 3.93 -3.34
CA VAL A 367 14.09 4.01 -3.85
C VAL A 367 13.32 2.85 -3.24
N MET A 368 12.14 3.13 -2.68
CA MET A 368 11.27 2.08 -2.16
C MET A 368 10.04 1.96 -3.05
N ILE A 369 9.56 0.74 -3.24
CA ILE A 369 8.35 0.48 -4.00
C ILE A 369 7.43 -0.37 -3.15
N GLY A 370 6.13 -0.14 -3.29
CA GLY A 370 5.14 -0.84 -2.49
C GLY A 370 3.86 -1.00 -3.29
N SER A 371 2.87 -1.64 -2.66
CA SER A 371 1.65 -2.09 -3.32
C SER A 371 1.95 -3.18 -4.33
N SER A 372 0.92 -3.62 -5.07
CA SER A 372 1.09 -4.74 -5.98
C SER A 372 0.03 -4.63 -7.08
N PRO A 373 0.34 -5.04 -8.32
CA PRO A 373 -0.66 -5.03 -9.38
C PRO A 373 -1.65 -6.18 -9.28
N TRP A 374 -1.42 -7.13 -8.36
CA TRP A 374 -2.35 -8.23 -8.14
C TRP A 374 -3.46 -7.90 -7.17
N PHE A 375 -3.39 -6.74 -6.50
CA PHE A 375 -4.55 -6.26 -5.75
C PHE A 375 -5.69 -6.01 -6.73
N ASP A 376 -6.89 -6.46 -6.36
CA ASP A 376 -8.09 -6.18 -7.14
C ASP A 376 -8.57 -4.80 -6.74
N VAL A 377 -8.14 -3.78 -7.49
CA VAL A 377 -8.38 -2.40 -7.09
C VAL A 377 -9.57 -1.85 -7.87
N TYR A 378 -9.83 -2.36 -9.07
CA TYR A 378 -10.95 -1.85 -9.83
C TYR A 378 -12.21 -2.69 -9.68
N GLY A 379 -12.10 -3.90 -9.14
CA GLY A 379 -13.25 -4.72 -8.83
C GLY A 379 -13.88 -4.34 -7.52
N ASN A 380 -14.31 -3.08 -7.42
CA ASN A 380 -14.86 -2.54 -6.20
C ASN A 380 -16.07 -1.66 -6.55
N ASP A 381 -17.05 -2.27 -7.20
CA ASP A 381 -18.31 -1.62 -7.54
C ASP A 381 -19.21 -1.65 -6.32
N PHE A 382 -19.54 -0.50 -5.76
CA PHE A 382 -20.40 -0.51 -4.59
C PHE A 382 -21.88 -0.53 -4.96
N GLY A 383 -22.22 -0.35 -6.24
CA GLY A 383 -23.59 -0.21 -6.65
C GLY A 383 -23.77 0.96 -7.58
N TRP A 384 -22.69 1.73 -7.77
CA TRP A 384 -22.72 2.89 -8.64
C TRP A 384 -21.61 2.85 -9.68
N GLY A 385 -20.92 1.72 -9.81
CA GLY A 385 -19.89 1.59 -10.80
C GLY A 385 -18.53 1.27 -10.20
N LYS A 386 -17.65 0.70 -11.01
CA LYS A 386 -16.27 0.52 -10.63
C LYS A 386 -15.62 1.89 -10.46
N PRO A 387 -14.54 1.98 -9.68
CA PRO A 387 -13.80 3.24 -9.57
C PRO A 387 -13.13 3.62 -10.89
N VAL A 388 -12.92 4.92 -11.06
CA VAL A 388 -12.10 5.40 -12.17
C VAL A 388 -10.66 5.68 -11.77
N GLY A 389 -10.34 5.60 -10.48
CA GLY A 389 -8.99 5.88 -10.02
C GLY A 389 -8.74 5.17 -8.71
N VAL A 390 -7.46 4.98 -8.41
CA VAL A 390 -7.00 4.28 -7.22
C VAL A 390 -5.78 5.03 -6.71
N ARG A 391 -5.69 5.21 -5.40
CA ARG A 391 -4.53 5.91 -4.84
C ARG A 391 -4.21 5.34 -3.47
N ASN A 392 -2.92 5.21 -3.21
CA ASN A 392 -2.43 4.96 -1.86
C ASN A 392 -2.33 6.28 -1.11
N GLY A 393 -2.52 6.20 0.21
CA GLY A 393 -2.57 7.40 1.03
C GLY A 393 -1.24 8.12 1.10
N GLY A 394 -1.30 9.34 1.64
CA GLY A 394 -0.14 10.19 1.68
C GLY A 394 0.72 10.08 2.93
N THR A 395 0.22 9.42 3.97
CA THR A 395 0.94 9.39 5.25
C THR A 395 2.27 8.69 5.10
N ASN A 396 2.32 7.60 4.33
CA ASN A 396 3.57 6.85 4.14
C ASN A 396 4.27 7.22 2.84
N LYS A 397 3.79 8.23 2.13
CA LYS A 397 4.43 8.66 0.91
C LYS A 397 5.49 9.68 1.25
N ARG A 398 6.66 9.52 0.62
CA ARG A 398 7.77 10.46 0.71
C ARG A 398 8.40 10.53 -0.67
N ASN A 399 9.26 11.53 -0.88
CA ASN A 399 10.08 11.54 -2.08
C ASN A 399 10.81 10.21 -2.20
N TRP A 400 11.04 9.76 -3.43
CA TRP A 400 11.77 8.51 -3.69
C TRP A 400 10.98 7.27 -3.25
N LYS A 401 9.65 7.36 -3.24
CA LYS A 401 8.78 6.20 -3.04
C LYS A 401 7.90 6.04 -4.27
N VAL A 402 7.62 4.77 -4.61
CA VAL A 402 6.74 4.40 -5.71
C VAL A 402 5.73 3.39 -5.19
N TYR A 403 4.50 3.48 -5.69
CA TYR A 403 3.42 2.55 -5.42
C TYR A 403 2.91 2.02 -6.76
N VAL A 404 2.71 0.71 -6.88
CA VAL A 404 2.22 0.11 -8.12
C VAL A 404 0.84 -0.45 -7.88
N CYS A 405 -0.10 -0.14 -8.77
CA CYS A 405 -1.38 -0.85 -8.85
C CYS A 405 -1.68 -1.24 -10.29
N ALA A 406 -2.61 -2.17 -10.45
CA ALA A 406 -3.17 -2.40 -11.78
C ALA A 406 -3.88 -1.15 -12.25
N GLY A 407 -3.97 -0.99 -13.56
CA GLY A 407 -4.76 0.07 -14.15
C GLY A 407 -6.13 -0.44 -14.57
N VAL A 408 -6.95 0.48 -15.08
CA VAL A 408 -8.27 0.10 -15.58
C VAL A 408 -8.13 -0.98 -16.65
N GLU A 409 -7.30 -0.72 -17.65
CA GLU A 409 -7.10 -1.65 -18.74
C GLU A 409 -6.55 -2.97 -18.20
N GLU A 410 -7.13 -4.08 -18.66
CA GLU A 410 -6.64 -5.38 -18.21
C GLU A 410 -5.18 -5.55 -18.58
N GLY A 411 -4.40 -6.07 -17.65
CA GLY A 411 -2.98 -6.28 -17.87
C GLY A 411 -2.12 -5.03 -17.81
N SER A 412 -2.69 -3.87 -17.49
CA SER A 412 -1.88 -2.65 -17.37
C SER A 412 -1.58 -2.35 -15.90
N MET A 413 -0.64 -1.42 -15.70
CA MET A 413 -0.21 -0.98 -14.38
C MET A 413 -0.11 0.54 -14.34
N ASN A 414 -0.35 1.11 -13.16
CA ASN A 414 -0.15 2.52 -12.88
C ASN A 414 0.86 2.65 -11.75
N LEU A 415 1.83 3.57 -11.92
CA LEU A 415 2.83 3.86 -10.90
C LEU A 415 2.61 5.26 -10.33
N GLU A 416 2.34 5.34 -9.03
CA GLU A 416 2.37 6.61 -8.31
C GLU A 416 3.82 6.91 -7.94
N VAL A 417 4.41 7.92 -8.55
CA VAL A 417 5.82 8.24 -8.34
C VAL A 417 5.93 9.53 -7.54
N CYS A 418 6.47 9.42 -6.34
CA CYS A 418 6.62 10.56 -5.44
C CYS A 418 8.07 11.03 -5.48
N LEU A 419 8.28 12.26 -5.95
CA LEU A 419 9.62 12.78 -6.18
C LEU A 419 9.53 14.29 -6.25
N PRO A 420 10.67 14.99 -6.17
CA PRO A 420 10.67 16.43 -6.40
C PRO A 420 10.15 16.77 -7.79
N TYR A 421 9.63 18.01 -7.91
CA TYR A 421 9.04 18.47 -9.15
C TYR A 421 9.96 18.23 -10.34
N GLU A 422 11.23 18.65 -10.23
CA GLU A 422 12.09 18.64 -11.42
C GLU A 422 12.49 17.22 -11.81
N ASN A 423 12.67 16.33 -10.83
CA ASN A 423 12.88 14.92 -11.17
C ASN A 423 11.72 14.37 -11.99
N LEU A 424 10.48 14.56 -11.51
CA LEU A 424 9.31 14.08 -12.25
C LEU A 424 9.22 14.72 -13.63
N GLU A 425 9.52 16.02 -13.73
CA GLU A 425 9.55 16.66 -15.04
C GLU A 425 10.58 16.00 -15.95
N ALA A 426 11.79 15.79 -15.44
CA ALA A 426 12.81 15.11 -16.24
C ALA A 426 12.29 13.76 -16.72
N ILE A 427 11.86 12.92 -15.78
CA ILE A 427 11.29 11.60 -16.12
C ILE A 427 10.23 11.76 -17.21
N GLY A 428 9.39 12.78 -17.07
CA GLY A 428 8.36 13.04 -18.07
C GLY A 428 8.90 13.44 -19.42
N ASN A 429 10.13 13.97 -19.47
CA ASN A 429 10.79 14.30 -20.73
C ASN A 429 11.82 13.24 -21.15
N ASP A 430 11.93 12.12 -20.41
CA ASP A 430 12.92 11.08 -20.70
C ASP A 430 12.42 10.27 -21.90
N SER A 431 13.09 10.44 -23.04
CA SER A 431 12.70 9.71 -24.25
C SER A 431 12.64 8.22 -24.01
N GLU A 432 13.63 7.67 -23.30
CA GLU A 432 13.68 6.21 -23.12
C GLU A 432 12.57 5.72 -22.22
N PHE A 433 12.29 6.45 -21.13
CA PHE A 433 11.26 5.98 -20.21
C PHE A 433 9.88 6.07 -20.83
N MET A 434 9.55 7.22 -21.43
CA MET A 434 8.24 7.42 -22.02
C MET A 434 8.00 6.60 -23.28
N ASP A 435 9.02 5.91 -23.79
CA ASP A 435 8.79 4.99 -24.89
C ASP A 435 7.89 3.82 -24.51
N ALA A 436 7.82 3.46 -23.22
CA ALA A 436 6.95 2.40 -22.75
C ALA A 436 6.08 2.88 -21.59
N ALA A 437 5.72 4.16 -21.58
CA ALA A 437 4.92 4.74 -20.50
C ALA A 437 4.28 6.03 -20.99
N SER A 438 3.16 6.39 -20.37
CA SER A 438 2.48 7.63 -20.67
C SER A 438 2.04 8.29 -19.38
N GLY A 439 1.67 9.57 -19.49
CA GLY A 439 1.17 10.33 -18.35
C GLY A 439 2.07 11.44 -17.88
#